data_4BFI
#
_entry.id   4BFI
#
_cell.length_a   128.170
_cell.length_b   128.170
_cell.length_c   116.080
_cell.angle_alpha   90.00
_cell.angle_beta   90.00
_cell.angle_gamma   90.00
#
_symmetry.space_group_name_H-M   'P 43 21 2'
#
loop_
_entity.id
_entity.type
_entity.pdbx_description
1 polymer 'CELL SURFACE GLYCOPROTEIN CD200 RECEPTOR 1'
2 polymer 'OX-2 MEMBRANE GLYCOPROTEIN'
3 non-polymer 2-acetamido-2-deoxy-beta-D-glucopyranose
4 non-polymer 1,2-ETHANEDIOL
5 non-polymer CYSTEINE
6 water water
#
loop_
_entity_poly.entity_id
_entity_poly.type
_entity_poly.pdbx_seq_one_letter_code
_entity_poly.pdbx_strand_id
1 'polypeptide(L)'
;TDKNQTTQNNSSSPLTQVNTTVSVQIGTKALLCCFSIPLTKAVLITWIIKLRGLPSCTIAYKVDTKTNETSCLGRNITWA
STPDHSPELQISAVTLQHEGTYTCETVTPEGNFEKNYDLQVLVPPEVTYFPEKNRSAVCEAMAGKPAAQISWSPDGDCVT
TSESHSNGTVTVRSTCHWEQNNVSDVSCIVSHLTGNQSLSIELGRGGSTRHHHHHH
;
A
2 'polypeptide(L)'
;QVEVVTQDERKALHTTASLRCSLKTSQEPLIVTWQKKKAVSPENMVTYSKTHGVVIQPAYKDRINVTELGLWNSSITFWN
TTLEDEGCYMCLFNTFGSQKVSGTACLTLYVQPIVHLHYNYFEDHLNITCSATARPAPAISWKGTGTGIENSTESHFHSN
GTTSVTSILRVKDPKTQVGKEVICQVLYLGNVIDYKQSLDKGSTRHHHHHH
;
B
#
# COMPACT_ATOMS: atom_id res chain seq x y z
N PRO A 14 -8.93 8.43 13.28
CA PRO A 14 -9.45 7.40 12.39
C PRO A 14 -8.37 6.37 11.99
N LEU A 15 -7.46 6.08 12.91
CA LEU A 15 -6.42 5.04 12.74
C LEU A 15 -6.97 3.62 12.60
N THR A 16 -6.64 2.94 11.51
CA THR A 16 -7.08 1.54 11.34
C THR A 16 -5.94 0.55 11.15
N GLN A 17 -4.71 1.04 11.09
CA GLN A 17 -3.59 0.15 10.83
C GLN A 17 -2.33 0.72 11.46
N VAL A 18 -1.52 -0.14 12.06
CA VAL A 18 -0.30 0.30 12.75
C VAL A 18 0.85 -0.67 12.54
N ASN A 19 1.86 -0.20 11.81
CA ASN A 19 3.03 -1.00 11.55
C ASN A 19 4.15 -0.64 12.54
N THR A 20 4.81 -1.64 13.10
CA THR A 20 5.77 -1.44 14.18
C THR A 20 6.93 -2.41 14.06
N THR A 21 8.15 -1.91 14.27
CA THR A 21 9.34 -2.77 14.28
C THR A 21 9.81 -2.97 15.71
N VAL A 22 9.84 -4.23 16.14
CA VAL A 22 10.20 -4.58 17.50
C VAL A 22 11.54 -5.30 17.50
N SER A 23 12.45 -4.80 18.32
CA SER A 23 13.75 -5.42 18.49
C SER A 23 13.84 -6.05 19.87
N VAL A 24 14.23 -7.32 19.89
CA VAL A 24 14.30 -8.07 21.13
C VAL A 24 15.67 -8.69 21.23
N GLN A 25 16.30 -8.58 22.40
CA GLN A 25 17.54 -9.26 22.64
C GLN A 25 17.27 -10.76 22.65
N ILE A 26 18.19 -11.51 22.06
CA ILE A 26 18.05 -12.96 22.09
C ILE A 26 17.96 -13.40 23.54
N GLY A 27 17.03 -14.32 23.79
CA GLY A 27 16.86 -14.93 25.09
C GLY A 27 15.96 -14.14 26.01
N THR A 28 15.43 -13.02 25.54
CA THR A 28 14.61 -12.19 26.41
C THR A 28 13.15 -12.20 26.00
N LYS A 29 12.31 -11.69 26.89
CA LYS A 29 10.86 -11.72 26.73
C LYS A 29 10.39 -10.89 25.55
N ALA A 30 9.29 -11.32 24.93
CA ALA A 30 8.58 -10.51 23.94
C ALA A 30 7.08 -10.59 24.19
N LEU A 31 6.40 -9.48 23.94
CA LEU A 31 4.97 -9.39 24.19
C LEU A 31 4.33 -8.53 23.12
N LEU A 32 3.34 -9.08 22.43
CA LEU A 32 2.74 -8.37 21.30
C LEU A 32 1.26 -8.14 21.50
N CYS A 33 0.86 -6.89 21.34
CA CYS A 33 -0.49 -6.46 21.69
C CYS A 33 -1.38 -6.19 20.48
N CYS A 34 -2.64 -6.55 20.59
CA CYS A 34 -3.62 -6.25 19.55
C CYS A 34 -3.95 -4.77 19.44
N PHE A 35 -4.69 -4.41 18.40
CA PHE A 35 -5.26 -3.08 18.34
C PHE A 35 -6.12 -2.97 19.58
N SER A 36 -6.13 -1.78 20.19
CA SER A 36 -6.73 -1.58 21.49
C SER A 36 -8.24 -1.31 21.43
N ILE A 37 -9.04 -2.38 21.54
CA ILE A 37 -10.50 -2.30 21.44
C ILE A 37 -11.18 -3.21 22.47
N PRO A 38 -12.24 -2.73 23.15
CA PRO A 38 -13.00 -3.53 24.12
C PRO A 38 -13.47 -4.87 23.53
N LEU A 39 -13.25 -5.94 24.29
CA LEU A 39 -13.51 -7.28 23.81
C LEU A 39 -14.99 -7.58 23.59
N THR A 40 -15.87 -6.82 24.24
CA THR A 40 -17.31 -7.00 24.00
C THR A 40 -17.65 -6.45 22.63
N LYS A 41 -16.92 -5.42 22.20
CA LYS A 41 -17.16 -4.78 20.92
C LYS A 41 -16.78 -5.66 19.73
N ALA A 42 -15.70 -6.43 19.88
CA ALA A 42 -15.08 -7.19 18.78
C ALA A 42 -15.89 -8.39 18.31
N VAL A 43 -15.66 -8.79 17.07
CA VAL A 43 -16.38 -9.92 16.50
C VAL A 43 -15.44 -11.10 16.31
N LEU A 44 -14.25 -10.81 15.75
CA LEU A 44 -13.27 -11.82 15.40
C LEU A 44 -11.88 -11.26 15.59
N ILE A 45 -10.98 -12.04 16.19
CA ILE A 45 -9.61 -11.58 16.38
C ILE A 45 -8.64 -12.64 15.93
N THR A 46 -7.78 -12.29 14.98
CA THR A 46 -6.89 -13.27 14.37
C THR A 46 -5.45 -12.81 14.40
N TRP A 47 -4.57 -13.70 14.85
CA TRP A 47 -3.14 -13.49 14.80
C TRP A 47 -2.57 -14.23 13.63
N ILE A 48 -1.70 -13.56 12.88
CA ILE A 48 -1.12 -14.12 11.67
C ILE A 48 0.40 -14.08 11.74
N ILE A 49 1.00 -15.27 11.84
CA ILE A 49 2.43 -15.40 12.06
C ILE A 49 3.15 -15.96 10.82
N LYS A 50 4.09 -15.16 10.32
CA LYS A 50 4.92 -15.57 9.20
C LYS A 50 6.38 -15.53 9.63
N LEU A 51 6.90 -16.71 9.96
CA LEU A 51 8.27 -16.85 10.40
C LEU A 51 9.22 -17.16 9.26
N ARG A 52 10.47 -16.73 9.44
CA ARG A 52 11.57 -17.06 8.53
C ARG A 52 11.56 -18.53 8.14
N GLY A 53 11.33 -18.78 6.86
CA GLY A 53 11.40 -20.14 6.32
C GLY A 53 10.29 -21.06 6.78
N LEU A 54 9.14 -20.47 7.12
CA LEU A 54 7.93 -21.25 7.37
C LEU A 54 6.75 -20.51 6.79
N PRO A 55 5.69 -21.22 6.41
CA PRO A 55 4.53 -20.56 5.83
C PRO A 55 3.72 -19.76 6.85
N SER A 56 2.83 -18.92 6.33
CA SER A 56 1.81 -18.22 7.10
C SER A 56 1.02 -19.18 7.99
N CYS A 57 0.34 -18.64 8.98
CA CYS A 57 0.00 -19.37 10.18
C CYS A 57 -1.05 -18.59 10.94
N THR A 58 -2.09 -19.22 11.45
CA THR A 58 -3.13 -18.44 12.15
C THR A 58 -3.64 -19.00 13.47
N ILE A 59 -3.80 -18.11 14.43
CA ILE A 59 -4.59 -18.41 15.61
C ILE A 59 -5.78 -17.46 15.57
N ALA A 60 -6.99 -18.02 15.63
CA ALA A 60 -8.21 -17.24 15.52
C ALA A 60 -9.01 -17.38 16.79
N TYR A 61 -9.78 -16.35 17.10
CA TYR A 61 -10.66 -16.36 18.25
C TYR A 61 -11.96 -15.72 17.84
N LYS A 62 -13.05 -16.47 17.94
CA LYS A 62 -14.38 -15.96 17.61
C LYS A 62 -15.06 -15.52 18.90
N VAL A 63 -15.27 -14.21 19.02
CA VAL A 63 -15.67 -13.60 20.29
C VAL A 63 -16.95 -14.16 20.91
N ASP A 64 -18.04 -14.17 20.14
CA ASP A 64 -19.37 -14.48 20.67
C ASP A 64 -19.46 -15.86 21.32
N THR A 65 -18.78 -16.83 20.72
CA THR A 65 -18.81 -18.22 21.18
C THR A 65 -17.50 -18.62 21.85
N LYS A 66 -16.58 -17.69 21.97
CA LYS A 66 -15.27 -17.95 22.58
C LYS A 66 -14.61 -19.24 22.03
N THR A 67 -14.63 -19.43 20.72
CA THR A 67 -13.95 -20.57 20.12
C THR A 67 -12.62 -20.16 19.50
N ASN A 68 -11.70 -21.11 19.44
CA ASN A 68 -10.39 -20.84 18.85
C ASN A 68 -9.98 -21.95 17.89
N GLU A 69 -9.00 -21.66 17.04
CA GLU A 69 -8.50 -22.60 16.06
C GLU A 69 -7.09 -22.19 15.72
N THR A 70 -6.22 -23.16 15.47
CA THR A 70 -4.78 -22.89 15.36
C THR A 70 -4.06 -23.67 14.28
N SER A 71 -3.53 -22.97 13.30
CA SER A 71 -2.64 -23.62 12.36
C SER A 71 -1.19 -23.45 12.82
N CYS A 72 -1.01 -22.92 14.02
CA CYS A 72 0.29 -22.35 14.39
C CYS A 72 1.28 -23.21 15.15
N LEU A 73 0.99 -24.50 15.27
CA LEU A 73 1.89 -25.41 15.98
C LEU A 73 3.25 -25.49 15.30
N GLY A 74 4.30 -25.63 16.09
CA GLY A 74 5.65 -25.67 15.57
C GLY A 74 6.34 -24.30 15.55
N ARG A 75 5.60 -23.25 15.83
CA ARG A 75 6.16 -21.89 15.84
C ARG A 75 6.69 -21.50 17.23
N ASN A 76 6.35 -22.30 18.24
CA ASN A 76 6.80 -22.10 19.63
C ASN A 76 6.52 -20.71 20.16
N ILE A 77 5.26 -20.29 20.08
CA ILE A 77 4.86 -19.03 20.70
C ILE A 77 3.67 -19.26 21.62
N THR A 78 3.37 -18.27 22.46
CA THR A 78 2.25 -18.39 23.40
C THR A 78 1.10 -17.45 23.07
N TRP A 79 -0.10 -17.94 23.28
CA TRP A 79 -1.32 -17.17 23.08
C TRP A 79 -1.88 -16.97 24.44
N ALA A 80 -1.78 -15.74 24.96
CA ALA A 80 -2.24 -15.43 26.30
C ALA A 80 -3.63 -14.84 26.24
N SER A 81 -4.55 -15.44 27.00
CA SER A 81 -5.94 -15.03 26.98
C SER A 81 -6.41 -14.73 28.39
N THR A 82 -7.26 -13.73 28.53
CA THR A 82 -7.93 -13.46 29.79
C THR A 82 -9.39 -13.13 29.50
N PRO A 83 -10.27 -13.18 30.51
CA PRO A 83 -11.63 -12.76 30.15
C PRO A 83 -11.61 -11.28 29.82
N ASP A 84 -12.53 -10.86 28.97
CA ASP A 84 -12.69 -9.43 28.61
C ASP A 84 -11.42 -8.63 28.22
N HIS A 85 -10.39 -9.32 27.74
CA HIS A 85 -9.27 -8.66 27.08
C HIS A 85 -8.91 -9.39 25.82
N SER A 86 -8.39 -8.67 24.83
CA SER A 86 -7.89 -9.31 23.62
C SER A 86 -6.78 -10.28 23.97
N PRO A 87 -6.62 -11.34 23.16
CA PRO A 87 -5.48 -12.21 23.40
C PRO A 87 -4.20 -11.55 22.96
N GLU A 88 -3.11 -11.84 23.65
CA GLU A 88 -1.82 -11.35 23.23
C GLU A 88 -0.84 -12.48 22.99
N LEU A 89 0.19 -12.20 22.20
CA LEU A 89 1.27 -13.16 21.95
C LEU A 89 2.41 -12.93 22.90
N GLN A 90 2.98 -14.03 23.38
CA GLN A 90 4.12 -13.97 24.28
C GLN A 90 5.19 -14.96 23.88
N ILE A 91 6.42 -14.55 24.11
CA ILE A 91 7.58 -15.41 23.97
C ILE A 91 8.47 -15.13 25.18
N SER A 92 8.68 -16.15 25.99
CA SER A 92 9.42 -15.97 27.23
C SER A 92 10.86 -15.61 26.91
N ALA A 93 11.49 -16.41 26.06
CA ALA A 93 12.86 -16.19 25.67
C ALA A 93 12.97 -16.37 24.17
N VAL A 94 13.07 -15.23 23.48
CA VAL A 94 13.12 -15.14 22.03
C VAL A 94 14.36 -15.81 21.42
N THR A 95 14.16 -16.58 20.35
CA THR A 95 15.26 -17.17 19.59
C THR A 95 15.32 -16.66 18.17
N LEU A 96 16.42 -16.97 17.47
CA LEU A 96 16.59 -16.56 16.08
C LEU A 96 15.45 -16.98 15.17
N GLN A 97 14.90 -18.16 15.40
CA GLN A 97 13.84 -18.69 14.54
C GLN A 97 12.52 -17.97 14.79
N HIS A 98 12.49 -17.15 15.83
CA HIS A 98 11.33 -16.32 16.12
C HIS A 98 11.26 -15.07 15.29
N GLU A 99 12.31 -14.78 14.54
CA GLU A 99 12.30 -13.60 13.69
C GLU A 99 11.22 -13.71 12.60
N GLY A 100 10.46 -12.64 12.41
CA GLY A 100 9.39 -12.67 11.42
C GLY A 100 8.28 -11.65 11.63
N THR A 101 7.11 -11.98 11.10
CA THR A 101 5.99 -11.04 11.04
C THR A 101 4.79 -11.50 11.81
N TYR A 102 4.38 -10.70 12.77
CA TYR A 102 3.23 -11.02 13.60
C TYR A 102 2.20 -9.92 13.41
N THR A 103 0.93 -10.31 13.24
CA THR A 103 -0.12 -9.35 12.93
C THR A 103 -1.43 -9.70 13.62
N CYS A 104 -1.93 -8.80 14.47
CA CYS A 104 -3.24 -9.02 15.05
C CYS A 104 -4.29 -8.28 14.22
N GLU A 105 -5.27 -9.04 13.74
CA GLU A 105 -6.31 -8.54 12.88
C GLU A 105 -7.61 -8.57 13.68
N THR A 106 -8.03 -7.43 14.21
CA THR A 106 -9.31 -7.35 14.93
C THR A 106 -10.37 -6.82 13.98
N VAL A 107 -11.57 -7.38 14.05
CA VAL A 107 -12.68 -6.81 13.29
C VAL A 107 -13.94 -6.71 14.15
N THR A 108 -14.51 -5.51 14.14
CA THR A 108 -15.72 -5.19 14.89
C THR A 108 -16.75 -4.71 13.88
N PRO A 109 -18.02 -4.50 14.31
CA PRO A 109 -18.96 -3.97 13.32
C PRO A 109 -18.49 -2.63 12.76
N GLU A 110 -17.56 -1.98 13.44
CA GLU A 110 -17.02 -0.70 13.01
C GLU A 110 -15.95 -0.83 11.94
N GLY A 111 -15.68 -2.06 11.49
CA GLY A 111 -14.72 -2.28 10.43
C GLY A 111 -13.50 -3.08 10.83
N ASN A 112 -12.51 -3.09 9.95
CA ASN A 112 -11.29 -3.87 10.14
C ASN A 112 -10.17 -3.05 10.72
N PHE A 113 -9.42 -3.66 11.63
CA PHE A 113 -8.29 -3.00 12.26
C PHE A 113 -7.11 -3.95 12.28
N GLU A 114 -5.91 -3.39 12.40
CA GLU A 114 -4.72 -4.16 12.14
C GLU A 114 -3.54 -3.59 12.88
N LYS A 115 -2.71 -4.47 13.40
CA LYS A 115 -1.48 -4.06 14.04
C LYS A 115 -0.40 -5.02 13.59
N ASN A 116 0.51 -4.51 12.77
CA ASN A 116 1.58 -5.34 12.24
C ASN A 116 2.87 -5.14 12.99
N TYR A 117 3.60 -6.23 13.13
CA TYR A 117 4.83 -6.22 13.88
C TYR A 117 5.92 -6.89 13.08
N ASP A 118 7.05 -6.21 13.01
CA ASP A 118 8.24 -6.79 12.42
C ASP A 118 9.17 -7.06 13.58
N LEU A 119 9.26 -8.34 13.96
CA LEU A 119 10.10 -8.72 15.08
C LEU A 119 11.47 -9.08 14.58
N GLN A 120 12.46 -8.40 15.14
CA GLN A 120 13.85 -8.65 14.81
C GLN A 120 14.58 -9.02 16.08
N VAL A 121 15.31 -10.12 16.02
CA VAL A 121 16.07 -10.64 17.15
C VAL A 121 17.48 -10.05 17.10
N LEU A 122 17.97 -9.60 18.24
CA LEU A 122 19.31 -9.02 18.35
C LEU A 122 20.24 -9.94 19.10
N VAL A 123 21.42 -10.18 18.56
CA VAL A 123 22.44 -10.93 19.30
C VAL A 123 23.56 -9.98 19.69
N PRO A 124 23.89 -9.93 21.00
CA PRO A 124 25.03 -9.18 21.47
C PRO A 124 26.29 -9.95 21.14
N PRO A 125 27.32 -9.25 20.62
CA PRO A 125 28.55 -9.90 20.21
C PRO A 125 29.41 -10.33 21.39
N GLU A 126 30.03 -11.49 21.25
CA GLU A 126 31.08 -11.94 22.14
C GLU A 126 32.32 -11.09 21.86
N VAL A 127 32.68 -10.25 22.81
CA VAL A 127 33.78 -9.29 22.63
C VAL A 127 35.06 -9.74 23.34
N THR A 128 36.14 -9.89 22.60
CA THR A 128 37.44 -10.18 23.21
C THR A 128 38.42 -9.10 22.79
N TYR A 129 39.37 -8.74 23.66
CA TYR A 129 40.36 -7.72 23.35
C TYR A 129 41.66 -7.94 24.11
N PHE A 130 42.77 -7.60 23.47
CA PHE A 130 44.08 -7.86 24.07
C PHE A 130 45.24 -7.21 23.31
N PRO A 131 46.34 -6.92 24.02
CA PRO A 131 47.51 -6.31 23.39
C PRO A 131 48.31 -7.36 22.64
N GLU A 132 49.32 -6.89 21.91
CA GLU A 132 50.09 -7.76 21.02
C GLU A 132 51.54 -7.36 20.76
N LYS A 133 52.22 -8.26 20.05
CA LYS A 133 53.62 -8.10 19.63
C LYS A 133 53.84 -6.81 18.85
N ASN A 134 54.95 -6.14 19.12
CA ASN A 134 55.36 -4.91 18.44
C ASN A 134 54.27 -3.83 18.47
N ARG A 135 53.89 -3.42 19.68
CA ARG A 135 52.91 -2.35 19.90
C ARG A 135 51.61 -2.49 19.08
N SER A 136 51.05 -3.69 19.07
CA SER A 136 49.81 -3.95 18.39
C SER A 136 48.72 -4.31 19.39
N ALA A 137 47.49 -4.40 18.89
CA ALA A 137 46.33 -4.78 19.70
C ALA A 137 45.32 -5.47 18.82
N VAL A 138 44.46 -6.29 19.41
CA VAL A 138 43.37 -6.91 18.69
C VAL A 138 42.05 -6.64 19.40
N CYS A 139 40.99 -6.47 18.61
CA CYS A 139 39.64 -6.28 19.13
C CYS A 139 38.58 -6.97 18.28
N GLU A 140 37.79 -7.83 18.91
CA GLU A 140 36.86 -8.68 18.17
C GLU A 140 35.46 -8.69 18.77
N ALA A 141 34.46 -8.55 17.90
CA ALA A 141 33.07 -8.68 18.27
C ALA A 141 32.50 -9.86 17.50
N MET A 142 32.42 -10.99 18.19
CA MET A 142 32.11 -12.25 17.55
C MET A 142 30.61 -12.48 17.44
N ALA A 143 30.17 -12.85 16.23
CA ALA A 143 28.79 -13.27 15.95
C ALA A 143 27.70 -12.48 16.68
N GLY A 144 27.69 -11.17 16.47
CA GLY A 144 26.60 -10.32 16.95
C GLY A 144 25.59 -10.11 15.84
N LYS A 145 24.42 -9.60 16.20
CA LYS A 145 23.40 -9.28 15.22
C LYS A 145 22.66 -8.03 15.64
N PRO A 146 22.66 -7.00 14.78
CA PRO A 146 23.47 -6.95 13.56
C PRO A 146 24.94 -6.80 13.90
N ALA A 147 25.77 -6.71 12.88
CA ALA A 147 27.20 -6.51 13.06
C ALA A 147 27.47 -5.31 13.95
N ALA A 148 28.49 -5.41 14.79
CA ALA A 148 28.94 -4.30 15.60
C ALA A 148 29.95 -3.50 14.79
N GLN A 149 30.34 -2.35 15.32
CA GLN A 149 31.34 -1.54 14.67
C GLN A 149 32.47 -1.25 15.63
N ILE A 150 33.69 -1.44 15.14
CA ILE A 150 34.87 -1.29 15.95
C ILE A 150 35.66 -0.04 15.53
N SER A 151 35.83 0.89 16.48
CA SER A 151 36.62 2.08 16.28
C SER A 151 37.82 1.95 17.18
N TRP A 152 38.79 2.84 17.02
CA TRP A 152 39.89 2.94 17.96
C TRP A 152 40.18 4.36 18.36
N SER A 153 40.67 4.52 19.59
CA SER A 153 41.23 5.80 20.00
C SER A 153 42.61 5.64 20.63
N PRO A 154 43.63 6.30 20.06
CA PRO A 154 43.45 7.15 18.89
C PRO A 154 43.69 6.33 17.62
N ASP A 155 43.59 6.99 16.46
CA ASP A 155 43.69 6.28 15.18
C ASP A 155 45.05 5.65 14.97
N GLY A 156 45.04 4.36 14.64
CA GLY A 156 46.26 3.63 14.34
C GLY A 156 46.18 2.97 12.98
N ASP A 157 47.18 2.14 12.69
CA ASP A 157 47.23 1.43 11.43
C ASP A 157 46.41 0.17 11.60
N CYS A 158 45.17 0.22 11.11
CA CYS A 158 44.21 -0.82 11.43
C CYS A 158 43.72 -1.55 10.20
N VAL A 159 43.34 -2.81 10.43
CA VAL A 159 42.72 -3.64 9.43
C VAL A 159 41.52 -4.29 10.10
N THR A 160 40.34 -4.06 9.52
CA THR A 160 39.09 -4.51 10.12
C THR A 160 38.25 -5.30 9.11
N THR A 161 37.80 -6.48 9.50
CA THR A 161 37.11 -7.40 8.58
C THR A 161 35.80 -7.97 9.14
N SER A 162 34.86 -8.28 8.24
CA SER A 162 33.56 -8.80 8.63
C SER A 162 33.34 -10.16 8.03
N GLU A 163 32.92 -11.11 8.84
CA GLU A 163 32.54 -12.43 8.35
C GLU A 163 31.10 -12.70 8.75
N SER A 164 30.28 -13.08 7.76
CA SER A 164 28.88 -13.38 7.98
C SER A 164 28.70 -14.86 8.24
N HIS A 165 27.90 -15.19 9.25
CA HIS A 165 27.59 -16.58 9.51
C HIS A 165 26.20 -16.88 9.05
N SER A 166 25.97 -18.15 8.74
CA SER A 166 24.70 -18.60 8.16
C SER A 166 23.50 -18.20 9.00
N ASN A 167 23.65 -18.24 10.32
CA ASN A 167 22.58 -17.84 11.23
C ASN A 167 22.52 -16.34 11.39
N GLY A 168 22.77 -15.61 10.31
CA GLY A 168 22.60 -14.16 10.28
C GLY A 168 23.41 -13.33 11.28
N THR A 169 24.32 -13.96 11.99
CA THR A 169 25.23 -13.24 12.87
C THR A 169 26.43 -12.79 12.07
N VAL A 170 27.16 -11.80 12.58
CA VAL A 170 28.35 -11.29 11.90
C VAL A 170 29.49 -11.07 12.89
N THR A 171 30.67 -11.54 12.51
CA THR A 171 31.84 -11.32 13.33
C THR A 171 32.64 -10.18 12.74
N VAL A 172 33.06 -9.24 13.60
CA VAL A 172 33.90 -8.14 13.17
C VAL A 172 35.20 -8.16 13.96
N ARG A 173 36.32 -8.16 13.23
CA ARG A 173 37.64 -8.28 13.83
C ARG A 173 38.54 -7.15 13.37
N SER A 174 39.23 -6.53 14.32
CA SER A 174 40.09 -5.42 14.02
C SER A 174 41.41 -5.59 14.73
N THR A 175 42.51 -5.37 13.99
CA THR A 175 43.86 -5.43 14.53
C THR A 175 44.58 -4.12 14.21
N CYS A 176 45.30 -3.54 15.16
CA CYS A 176 45.99 -2.26 14.94
C CYS A 176 47.42 -2.21 15.45
N HIS A 177 48.23 -1.42 14.76
CA HIS A 177 49.58 -1.10 15.16
C HIS A 177 49.66 0.39 15.35
N TRP A 178 50.52 0.83 16.27
CA TRP A 178 50.87 2.24 16.41
C TRP A 178 52.35 2.27 16.49
N GLU A 179 53.01 3.04 15.63
CA GLU A 179 54.47 3.12 15.68
C GLU A 179 54.95 3.88 16.91
N GLN A 180 56.24 3.73 17.24
CA GLN A 180 56.77 4.19 18.53
C GLN A 180 56.85 5.73 18.69
N ASN A 181 55.97 6.26 19.54
CA ASN A 181 56.08 7.65 19.98
C ASN A 181 55.55 7.96 21.38
N ASN A 182 54.40 8.61 21.48
CA ASN A 182 53.97 9.09 22.78
C ASN A 182 52.59 8.57 23.16
N VAL A 183 52.25 7.43 22.59
CA VAL A 183 50.99 6.76 22.84
C VAL A 183 51.29 5.37 23.40
N SER A 184 50.69 5.07 24.55
CA SER A 184 50.94 3.83 25.28
C SER A 184 49.64 3.14 25.72
N ASP A 185 48.57 3.93 25.79
CA ASP A 185 47.20 3.44 26.04
C ASP A 185 46.29 3.68 24.84
N VAL A 186 45.51 2.66 24.50
CA VAL A 186 44.57 2.76 23.39
C VAL A 186 43.18 2.36 23.86
N SER A 187 42.19 2.65 23.05
CA SER A 187 40.83 2.23 23.35
C SER A 187 40.19 1.56 22.16
N CYS A 188 39.63 0.38 22.39
CA CYS A 188 38.79 -0.24 21.41
C CYS A 188 37.37 0.19 21.68
N ILE A 189 36.70 0.75 20.69
CA ILE A 189 35.33 1.15 20.88
C ILE A 189 34.44 0.25 20.07
N VAL A 190 33.53 -0.43 20.77
CA VAL A 190 32.61 -1.38 20.17
C VAL A 190 31.19 -0.84 20.26
N SER A 191 30.62 -0.49 19.11
CA SER A 191 29.27 0.03 19.08
C SER A 191 28.31 -1.04 18.64
N HIS A 192 27.22 -1.18 19.40
CA HIS A 192 26.19 -2.14 19.06
C HIS A 192 24.90 -1.77 19.69
N LEU A 193 23.78 -2.14 19.06
CA LEU A 193 22.46 -1.79 19.58
C LEU A 193 22.22 -2.30 20.99
N THR A 194 22.71 -3.51 21.28
CA THR A 194 22.59 -4.10 22.61
C THR A 194 23.42 -3.34 23.65
N GLY A 195 24.08 -2.28 23.23
CA GLY A 195 24.86 -1.42 24.12
C GLY A 195 26.26 -1.26 23.58
N ASN A 196 26.75 -0.02 23.58
CA ASN A 196 28.14 0.24 23.23
C ASN A 196 29.04 -0.02 24.40
N GLN A 197 30.32 -0.21 24.14
CA GLN A 197 31.30 -0.21 25.19
C GLN A 197 32.64 0.30 24.70
N SER A 198 33.45 0.77 25.64
CA SER A 198 34.81 1.17 25.34
C SER A 198 35.77 0.34 26.20
N LEU A 199 36.66 -0.36 25.55
CA LEU A 199 37.60 -1.20 26.25
C LEU A 199 38.97 -0.59 26.15
N SER A 200 39.67 -0.58 27.28
CA SER A 200 40.99 0.01 27.36
C SER A 200 42.04 -1.09 27.19
N ILE A 201 43.17 -0.73 26.58
CA ILE A 201 44.29 -1.66 26.41
C ILE A 201 45.59 -0.92 26.70
N GLU A 202 46.53 -1.62 27.34
CA GLU A 202 47.86 -1.06 27.59
C GLU A 202 48.91 -1.71 26.68
N LEU A 203 49.50 -0.90 25.79
CA LEU A 203 50.41 -1.40 24.75
C LEU A 203 51.69 -2.03 25.29
N GLY A 204 52.11 -3.14 24.67
CA GLY A 204 53.33 -3.86 25.06
C GLY A 204 54.59 -3.01 25.15
N VAL B 2 -7.77 -17.73 -8.14
CA VAL B 2 -8.17 -16.42 -7.54
C VAL B 2 -9.29 -16.61 -6.49
N GLU B 3 -9.22 -15.82 -5.42
CA GLU B 3 -10.13 -15.96 -4.28
C GLU B 3 -11.38 -15.09 -4.38
N VAL B 4 -11.18 -13.80 -4.63
CA VAL B 4 -12.26 -12.82 -4.71
C VAL B 4 -12.40 -12.30 -6.14
N VAL B 5 -13.63 -12.30 -6.66
CA VAL B 5 -13.86 -11.82 -8.00
C VAL B 5 -14.40 -10.41 -7.97
N THR B 6 -13.67 -9.49 -8.57
CA THR B 6 -14.07 -8.09 -8.57
C THR B 6 -13.70 -7.40 -9.89
N GLN B 7 -14.57 -6.49 -10.31
CA GLN B 7 -14.32 -5.72 -11.52
C GLN B 7 -14.23 -4.24 -11.17
N ASP B 8 -13.21 -3.56 -11.67
CA ASP B 8 -13.14 -2.09 -11.58
C ASP B 8 -14.33 -1.50 -12.34
N GLU B 9 -14.82 -0.36 -11.89
CA GLU B 9 -15.99 0.22 -12.53
C GLU B 9 -15.76 1.65 -12.96
N ARG B 10 -16.04 1.91 -14.24
CA ARG B 10 -15.94 3.25 -14.81
C ARG B 10 -17.33 3.74 -15.14
N LYS B 11 -17.89 4.57 -14.27
CA LYS B 11 -19.25 5.02 -14.46
C LYS B 11 -19.36 6.54 -14.40
N ALA B 12 -20.55 7.06 -14.76
CA ALA B 12 -20.77 8.48 -14.99
C ALA B 12 -20.81 9.30 -13.70
N LEU B 13 -20.25 10.51 -13.75
CA LEU B 13 -20.27 11.42 -12.58
C LEU B 13 -21.69 11.86 -12.19
N HIS B 14 -21.86 12.22 -10.92
CA HIS B 14 -23.15 12.62 -10.35
C HIS B 14 -24.30 11.68 -10.62
N THR B 15 -23.98 10.39 -10.74
CA THR B 15 -24.99 9.33 -10.87
C THR B 15 -24.63 8.07 -10.05
N THR B 16 -25.54 7.10 -10.08
CA THR B 16 -25.40 5.85 -9.34
C THR B 16 -24.23 5.02 -9.82
N ALA B 17 -23.45 4.52 -8.86
CA ALA B 17 -22.36 3.60 -9.17
C ALA B 17 -22.26 2.51 -8.12
N SER B 18 -22.08 1.28 -8.57
CA SER B 18 -22.07 0.11 -7.69
C SER B 18 -20.82 -0.73 -7.85
N LEU B 19 -20.25 -1.13 -6.72
CA LEU B 19 -19.12 -2.05 -6.69
C LEU B 19 -19.56 -3.37 -6.07
N ARG B 20 -19.00 -4.46 -6.58
CA ARG B 20 -19.38 -5.80 -6.16
C ARG B 20 -18.18 -6.71 -6.01
N CYS B 21 -18.24 -7.57 -5.00
CA CYS B 21 -17.26 -8.62 -4.82
C CYS B 21 -17.96 -9.95 -4.68
N SER B 22 -17.43 -10.94 -5.39
CA SER B 22 -17.89 -12.30 -5.26
C SER B 22 -16.77 -13.16 -4.70
N LEU B 23 -16.98 -13.66 -3.49
CA LEU B 23 -16.03 -14.53 -2.86
C LEU B 23 -16.29 -15.97 -3.29
N LYS B 24 -15.25 -16.58 -3.84
CA LYS B 24 -15.34 -17.94 -4.36
C LYS B 24 -14.59 -18.86 -3.41
N THR B 25 -15.35 -19.49 -2.51
CA THR B 25 -14.81 -20.50 -1.60
C THR B 25 -15.91 -21.13 -0.76
N SER B 26 -15.58 -22.30 -0.20
CA SER B 26 -16.50 -23.09 0.62
C SER B 26 -16.81 -22.40 1.95
N GLN B 27 -15.75 -22.05 2.68
CA GLN B 27 -15.86 -21.47 4.02
C GLN B 27 -16.73 -20.21 4.09
N GLU B 28 -17.84 -20.27 4.84
CA GLU B 28 -18.70 -19.11 5.08
C GLU B 28 -17.98 -18.11 5.97
N PRO B 29 -17.86 -16.85 5.50
CA PRO B 29 -17.25 -15.78 6.29
C PRO B 29 -18.14 -15.40 7.47
N LEU B 30 -17.67 -14.49 8.31
CA LEU B 30 -18.48 -13.98 9.42
C LEU B 30 -18.94 -12.59 9.16
N ILE B 31 -18.01 -11.77 8.66
CA ILE B 31 -18.29 -10.37 8.50
C ILE B 31 -17.52 -9.82 7.30
N VAL B 32 -18.20 -8.95 6.56
CA VAL B 32 -17.65 -8.30 5.38
C VAL B 32 -17.42 -6.82 5.66
N THR B 33 -16.23 -6.34 5.32
CA THR B 33 -15.89 -4.93 5.50
C THR B 33 -15.52 -4.29 4.18
N TRP B 34 -16.01 -3.07 3.99
CA TRP B 34 -15.63 -2.24 2.86
C TRP B 34 -14.81 -1.10 3.35
N GLN B 35 -13.65 -0.91 2.72
CA GLN B 35 -12.72 0.15 3.07
C GLN B 35 -12.28 0.96 1.85
N LYS B 36 -12.03 2.25 2.06
CA LYS B 36 -11.49 3.11 1.01
C LYS B 36 -9.98 3.17 1.18
N LYS B 37 -9.29 2.57 0.21
CA LYS B 37 -7.83 2.54 0.16
C LYS B 37 -7.29 3.97 0.21
N LYS B 38 -6.49 4.27 1.23
CA LYS B 38 -5.86 5.57 1.37
C LYS B 38 -4.38 5.35 1.61
N ALA B 39 -3.57 6.37 1.31
CA ALA B 39 -2.25 6.49 1.93
C ALA B 39 -2.49 6.86 3.41
N VAL B 40 -1.55 6.44 4.27
CA VAL B 40 -1.81 6.12 5.71
C VAL B 40 -2.61 4.80 5.78
N SER B 41 -3.52 4.67 6.74
CA SER B 41 -4.40 3.51 6.84
C SER B 41 -5.63 3.60 5.91
N PRO B 42 -6.15 2.44 5.46
CA PRO B 42 -7.46 2.40 4.79
C PRO B 42 -8.56 2.92 5.70
N GLU B 43 -9.66 3.40 5.11
CA GLU B 43 -10.75 3.99 5.88
C GLU B 43 -11.92 3.02 5.96
N ASN B 44 -12.48 2.81 7.14
CA ASN B 44 -13.62 1.90 7.29
C ASN B 44 -14.92 2.51 6.84
N MET B 45 -15.63 1.86 5.92
CA MET B 45 -16.87 2.41 5.37
C MET B 45 -18.12 1.74 5.92
N VAL B 46 -18.20 0.43 5.78
CA VAL B 46 -19.37 -0.30 6.26
C VAL B 46 -19.03 -1.77 6.47
N THR B 47 -19.77 -2.41 7.38
CA THR B 47 -19.71 -3.86 7.51
C THR B 47 -21.10 -4.50 7.38
N TYR B 48 -21.13 -5.72 6.84
CA TYR B 48 -22.32 -6.54 6.93
C TYR B 48 -22.01 -7.86 7.63
N SER B 49 -22.81 -8.18 8.65
CA SER B 49 -22.67 -9.42 9.36
C SER B 49 -24.06 -9.93 9.64
N LYS B 50 -24.20 -11.24 9.83
CA LYS B 50 -25.49 -11.79 10.19
C LYS B 50 -25.86 -11.36 11.60
N THR B 51 -24.86 -11.25 12.47
CA THR B 51 -25.08 -10.90 13.85
C THR B 51 -25.50 -9.44 14.04
N HIS B 52 -24.92 -8.54 13.24
CA HIS B 52 -25.15 -7.10 13.40
C HIS B 52 -25.79 -6.38 12.25
N GLY B 53 -26.12 -7.09 11.16
CA GLY B 53 -26.65 -6.46 9.96
C GLY B 53 -25.69 -5.46 9.30
N VAL B 54 -26.25 -4.40 8.75
CA VAL B 54 -25.45 -3.40 8.04
C VAL B 54 -25.08 -2.28 8.98
N VAL B 55 -23.82 -1.87 8.96
CA VAL B 55 -23.32 -0.79 9.83
C VAL B 55 -22.42 0.19 9.06
N ILE B 56 -23.00 1.31 8.64
CA ILE B 56 -22.27 2.32 7.87
C ILE B 56 -21.63 3.32 8.81
N GLN B 57 -20.35 3.61 8.60
CA GLN B 57 -19.65 4.62 9.38
C GLN B 57 -20.25 6.03 9.16
N PRO B 58 -20.26 6.85 10.22
CA PRO B 58 -20.94 8.15 10.13
C PRO B 58 -20.55 8.91 8.87
N ALA B 59 -19.28 8.86 8.51
CA ALA B 59 -18.77 9.52 7.30
C ALA B 59 -19.52 9.22 5.99
N TYR B 60 -20.01 7.99 5.84
CA TYR B 60 -20.63 7.58 4.57
C TYR B 60 -22.13 7.40 4.71
N LYS B 61 -22.66 7.95 5.80
CA LYS B 61 -24.03 7.71 6.26
C LYS B 61 -25.05 7.79 5.13
N ASP B 62 -25.09 8.93 4.45
CA ASP B 62 -26.12 9.13 3.44
C ASP B 62 -25.53 9.27 2.07
N ARG B 63 -24.58 8.40 1.76
CA ARG B 63 -23.87 8.46 0.49
C ARG B 63 -23.85 7.08 -0.15
N ILE B 64 -23.84 6.06 0.69
CA ILE B 64 -23.89 4.67 0.23
C ILE B 64 -24.86 3.79 1.02
N ASN B 65 -25.21 2.67 0.41
CA ASN B 65 -25.97 1.61 1.05
C ASN B 65 -25.39 0.30 0.60
N VAL B 66 -25.79 -0.78 1.25
CA VAL B 66 -25.40 -2.07 0.74
C VAL B 66 -26.53 -2.58 -0.14
N THR B 67 -26.20 -2.81 -1.40
CA THR B 67 -27.13 -3.22 -2.44
C THR B 67 -27.28 -4.75 -2.46
N GLU B 68 -26.21 -5.46 -2.12
CA GLU B 68 -26.26 -6.90 -2.01
C GLU B 68 -25.87 -7.36 -0.60
N LEU B 69 -26.87 -7.79 0.16
CA LEU B 69 -26.65 -8.29 1.51
C LEU B 69 -26.33 -9.79 1.48
N GLY B 70 -25.12 -10.13 1.89
CA GLY B 70 -24.68 -11.52 1.88
C GLY B 70 -23.22 -11.60 2.21
N LEU B 71 -22.81 -12.75 2.74
CA LEU B 71 -21.42 -12.93 3.14
C LEU B 71 -20.53 -13.37 1.98
N TRP B 72 -21.13 -13.97 0.94
CA TRP B 72 -20.38 -14.41 -0.23
C TRP B 72 -20.34 -13.41 -1.35
N ASN B 73 -21.44 -12.68 -1.50
CA ASN B 73 -21.57 -11.64 -2.51
C ASN B 73 -22.01 -10.34 -1.85
N SER B 74 -21.18 -9.29 -1.97
CA SER B 74 -21.54 -7.97 -1.45
C SER B 74 -21.41 -6.89 -2.50
N SER B 75 -22.35 -5.95 -2.49
CA SER B 75 -22.29 -4.78 -3.34
C SER B 75 -22.55 -3.54 -2.55
N ILE B 76 -21.73 -2.51 -2.78
CA ILE B 76 -22.01 -1.19 -2.24
C ILE B 76 -22.39 -0.23 -3.36
N THR B 77 -23.29 0.70 -3.07
CA THR B 77 -23.80 1.62 -4.10
C THR B 77 -23.78 3.07 -3.64
N PHE B 78 -22.99 3.88 -4.35
CA PHE B 78 -23.01 5.33 -4.22
C PHE B 78 -24.25 5.82 -4.95
N TRP B 79 -25.08 6.59 -4.27
CA TRP B 79 -26.34 7.05 -4.85
C TRP B 79 -26.11 8.07 -5.90
N ASN B 80 -25.19 8.98 -5.63
CA ASN B 80 -24.91 10.10 -6.49
C ASN B 80 -23.43 10.43 -6.27
N THR B 81 -22.60 10.08 -7.25
CA THR B 81 -21.15 10.18 -7.09
C THR B 81 -20.58 11.61 -7.09
N THR B 82 -19.34 11.73 -6.63
CA THR B 82 -18.62 12.99 -6.50
C THR B 82 -17.20 12.67 -6.91
N LEU B 83 -16.41 13.69 -7.25
CA LEU B 83 -15.01 13.43 -7.55
C LEU B 83 -14.28 12.83 -6.34
N GLU B 84 -14.73 13.16 -5.12
CA GLU B 84 -14.24 12.54 -3.87
C GLU B 84 -14.40 11.03 -3.87
N ASP B 85 -15.52 10.56 -4.40
CA ASP B 85 -15.86 9.16 -4.44
C ASP B 85 -15.00 8.37 -5.42
N GLU B 86 -14.23 9.08 -6.23
CA GLU B 86 -13.34 8.43 -7.17
C GLU B 86 -12.14 7.90 -6.41
N GLY B 87 -11.73 6.68 -6.74
CA GLY B 87 -10.58 6.08 -6.09
C GLY B 87 -10.65 4.57 -6.02
N CYS B 88 -9.93 3.99 -5.06
CA CYS B 88 -9.86 2.55 -4.92
C CYS B 88 -10.45 2.04 -3.61
N TYR B 89 -11.16 0.92 -3.75
CA TYR B 89 -11.95 0.37 -2.65
C TYR B 89 -11.58 -1.09 -2.40
N MET B 90 -11.75 -1.55 -1.16
CA MET B 90 -11.49 -2.96 -0.85
C MET B 90 -12.64 -3.60 -0.11
N CYS B 91 -13.01 -4.79 -0.55
CA CYS B 91 -13.96 -5.64 0.15
C CYS B 91 -13.14 -6.70 0.87
N LEU B 92 -13.29 -6.73 2.19
CA LEU B 92 -12.59 -7.70 3.02
C LEU B 92 -13.58 -8.73 3.50
N PHE B 93 -13.27 -9.99 3.24
CA PHE B 93 -14.03 -11.10 3.76
C PHE B 93 -13.29 -11.71 4.93
N ASN B 94 -13.92 -11.63 6.09
CA ASN B 94 -13.33 -12.13 7.31
C ASN B 94 -13.94 -13.48 7.65
N THR B 95 -13.09 -14.51 7.64
CA THR B 95 -13.54 -15.85 7.96
C THR B 95 -12.82 -16.39 9.17
N PHE B 96 -13.57 -17.04 10.05
CA PHE B 96 -13.00 -17.64 11.24
C PHE B 96 -11.95 -18.66 10.87
N GLY B 97 -10.75 -18.49 11.42
CA GLY B 97 -9.77 -19.56 11.43
C GLY B 97 -8.74 -19.50 10.33
N SER B 98 -8.92 -18.61 9.37
CA SER B 98 -8.00 -18.54 8.23
C SER B 98 -7.90 -17.16 7.61
N GLN B 99 -7.03 -16.31 8.17
CA GLN B 99 -6.77 -14.93 7.67
C GLN B 99 -7.96 -14.11 7.14
N LYS B 100 -7.80 -13.55 5.94
CA LYS B 100 -8.87 -12.83 5.27
C LYS B 100 -8.55 -12.78 3.78
N VAL B 101 -9.47 -12.23 3.00
CA VAL B 101 -9.24 -12.09 1.56
C VAL B 101 -9.78 -10.77 1.07
N SER B 102 -8.94 -10.04 0.34
CA SER B 102 -9.30 -8.74 -0.19
C SER B 102 -9.80 -8.86 -1.60
N GLY B 103 -10.40 -7.78 -2.08
CA GLY B 103 -10.74 -7.64 -3.47
C GLY B 103 -10.69 -6.16 -3.71
N THR B 104 -9.75 -5.71 -4.52
CA THR B 104 -9.68 -4.28 -4.81
C THR B 104 -10.43 -3.96 -6.10
N ALA B 105 -11.30 -2.96 -6.00
CA ALA B 105 -12.05 -2.48 -7.14
C ALA B 105 -11.94 -0.97 -7.17
N CYS B 106 -11.55 -0.43 -8.33
CA CYS B 106 -11.36 1.01 -8.46
C CYS B 106 -12.44 1.67 -9.31
N LEU B 107 -12.84 2.84 -8.84
CA LEU B 107 -13.93 3.60 -9.41
C LEU B 107 -13.40 4.84 -10.09
N THR B 108 -13.88 5.05 -11.31
CA THR B 108 -13.51 6.20 -12.12
C THR B 108 -14.74 6.83 -12.76
N LEU B 109 -14.88 8.14 -12.58
CA LEU B 109 -16.05 8.87 -13.04
C LEU B 109 -15.76 9.68 -14.30
N TYR B 110 -16.76 9.70 -15.20
CA TYR B 110 -16.61 10.39 -16.48
C TYR B 110 -17.74 11.36 -16.76
N VAL B 111 -17.44 12.35 -17.59
CA VAL B 111 -18.46 13.26 -18.12
C VAL B 111 -18.46 13.14 -19.64
N GLN B 112 -19.63 12.79 -20.19
CA GLN B 112 -19.85 12.65 -21.62
C GLN B 112 -19.55 13.97 -22.32
N PRO B 113 -18.87 13.93 -23.49
CA PRO B 113 -18.41 15.16 -24.14
C PRO B 113 -19.53 16.03 -24.68
N ILE B 114 -19.28 17.33 -24.70
CA ILE B 114 -20.15 18.29 -25.36
C ILE B 114 -19.28 18.92 -26.45
N VAL B 115 -19.71 18.79 -27.71
CA VAL B 115 -18.93 19.32 -28.81
C VAL B 115 -19.63 20.45 -29.55
N HIS B 116 -18.88 21.54 -29.75
CA HIS B 116 -19.29 22.69 -30.54
C HIS B 116 -18.60 22.61 -31.86
N LEU B 117 -19.35 22.84 -32.95
CA LEU B 117 -18.79 22.93 -34.29
C LEU B 117 -19.22 24.25 -34.92
N HIS B 118 -18.27 25.18 -35.09
CA HIS B 118 -18.54 26.44 -35.78
C HIS B 118 -17.86 26.47 -37.13
N TYR B 119 -18.69 26.54 -38.18
CA TYR B 119 -18.21 26.69 -39.55
C TYR B 119 -18.52 28.10 -40.05
N ASN B 120 -17.53 28.75 -40.66
CA ASN B 120 -17.73 30.12 -41.10
C ASN B 120 -17.14 30.42 -42.47
N TYR B 121 -18.03 30.59 -43.45
CA TYR B 121 -17.68 30.70 -44.86
C TYR B 121 -17.74 32.15 -45.35
N PHE B 122 -16.64 32.62 -45.98
CA PHE B 122 -16.59 33.95 -46.67
C PHE B 122 -16.05 33.96 -48.09
N GLU B 123 -15.10 34.81 -48.36
CA GLU B 123 -14.84 34.91 -49.74
C GLU B 123 -14.00 33.73 -50.16
N ASP B 124 -14.65 32.74 -50.76
CA ASP B 124 -13.98 31.51 -51.16
C ASP B 124 -13.48 30.69 -49.98
N HIS B 125 -12.86 31.35 -49.01
CA HIS B 125 -12.32 30.57 -47.90
C HIS B 125 -13.17 30.48 -46.68
N LEU B 126 -12.75 29.57 -45.79
CA LEU B 126 -13.55 29.07 -44.69
C LEU B 126 -12.69 28.90 -43.46
N ASN B 127 -13.22 29.26 -42.29
CA ASN B 127 -12.60 28.78 -41.06
C ASN B 127 -13.48 27.98 -40.10
N ILE B 128 -12.97 26.83 -39.68
CA ILE B 128 -13.67 25.95 -38.75
C ILE B 128 -12.99 25.97 -37.40
N THR B 129 -13.80 26.16 -36.36
CA THR B 129 -13.35 25.94 -34.98
C THR B 129 -14.09 24.73 -34.40
N CYS B 130 -13.36 23.83 -33.74
CA CYS B 130 -13.93 22.57 -33.22
C CYS B 130 -13.64 22.38 -31.73
N SER B 131 -14.61 22.72 -30.89
CA SER B 131 -14.49 22.65 -29.42
C SER B 131 -15.14 21.39 -28.83
N ALA B 132 -14.55 20.88 -27.75
CA ALA B 132 -15.00 19.65 -27.09
C ALA B 132 -14.66 19.63 -25.60
N THR B 133 -15.70 19.53 -24.76
CA THR B 133 -15.51 19.49 -23.31
C THR B 133 -16.00 18.17 -22.69
N ALA B 134 -15.08 17.46 -22.07
CA ALA B 134 -15.34 16.13 -21.53
C ALA B 134 -14.45 15.84 -20.33
N ARG B 135 -14.62 14.64 -19.76
CA ARG B 135 -13.78 14.16 -18.69
C ARG B 135 -13.73 12.65 -18.82
N PRO B 136 -12.54 12.08 -19.11
CA PRO B 136 -11.24 12.72 -19.30
C PRO B 136 -11.18 13.58 -20.55
N ALA B 137 -10.09 14.34 -20.69
CA ALA B 137 -9.85 15.18 -21.85
C ALA B 137 -10.02 14.38 -23.16
N PRO B 138 -10.69 14.99 -24.15
CA PRO B 138 -10.92 14.35 -25.43
C PRO B 138 -9.83 14.70 -26.44
N ALA B 139 -9.76 13.95 -27.53
CA ALA B 139 -8.71 14.11 -28.53
C ALA B 139 -9.26 14.64 -29.86
N ILE B 140 -8.88 15.87 -30.20
CA ILE B 140 -9.31 16.49 -31.46
C ILE B 140 -8.24 16.32 -32.53
N SER B 141 -8.69 15.97 -33.74
CA SER B 141 -7.82 15.76 -34.87
C SER B 141 -8.62 15.98 -36.16
N TRP B 142 -7.95 16.40 -37.23
CA TRP B 142 -8.60 16.70 -38.51
C TRP B 142 -8.39 15.61 -39.53
N LYS B 143 -9.48 15.02 -40.03
CA LYS B 143 -9.34 13.97 -41.04
C LYS B 143 -9.48 14.43 -42.50
N GLY B 144 -10.21 15.52 -42.73
CA GLY B 144 -10.25 16.14 -44.07
C GLY B 144 -8.97 16.92 -44.33
N THR B 145 -7.84 16.20 -44.33
CA THR B 145 -6.49 16.78 -44.38
C THR B 145 -6.21 17.58 -45.64
N GLY B 146 -5.28 18.53 -45.52
CA GLY B 146 -4.82 19.31 -46.65
C GLY B 146 -3.33 19.57 -46.58
N THR B 147 -2.64 18.85 -45.70
CA THR B 147 -1.18 18.91 -45.53
C THR B 147 -0.67 20.29 -45.05
N GLY B 148 -1.05 21.35 -45.75
CA GLY B 148 -0.69 22.72 -45.37
C GLY B 148 -1.66 23.30 -44.35
N ILE B 149 -2.19 24.49 -44.62
CA ILE B 149 -3.19 25.12 -43.77
C ILE B 149 -2.62 25.76 -42.50
N GLU B 150 -3.39 26.68 -41.93
CA GLU B 150 -3.13 27.27 -40.62
C GLU B 150 -4.02 26.60 -39.57
N ASN B 151 -3.46 26.23 -38.42
CA ASN B 151 -4.18 25.46 -37.40
C ASN B 151 -3.55 25.47 -36.01
N SER B 152 -4.38 25.71 -34.99
CA SER B 152 -3.93 25.79 -33.59
C SER B 152 -4.93 25.14 -32.64
N THR B 153 -4.41 24.41 -31.64
CA THR B 153 -5.26 23.74 -30.63
C THR B 153 -4.96 24.25 -29.22
N GLU B 154 -6.00 24.62 -28.49
CA GLU B 154 -5.88 25.14 -27.11
C GLU B 154 -6.72 24.30 -26.17
N SER B 155 -6.24 24.08 -24.95
CA SER B 155 -7.02 23.35 -23.96
C SER B 155 -7.18 24.11 -22.63
N HIS B 156 -8.32 23.90 -21.98
CA HIS B 156 -8.62 24.51 -20.68
C HIS B 156 -9.09 23.50 -19.68
N PHE B 157 -8.58 23.62 -18.45
CA PHE B 157 -8.97 22.72 -17.36
C PHE B 157 -9.89 23.46 -16.39
N HIS B 158 -11.05 22.86 -16.11
CA HIS B 158 -12.06 23.52 -15.29
C HIS B 158 -11.94 23.19 -13.84
N SER B 159 -12.49 24.06 -13.00
CA SER B 159 -12.71 23.77 -11.59
C SER B 159 -13.78 22.67 -11.46
N ASN B 160 -14.53 22.47 -12.54
CA ASN B 160 -15.42 21.33 -12.68
C ASN B 160 -14.66 20.00 -12.57
N GLY B 161 -13.53 19.90 -13.29
CA GLY B 161 -12.80 18.65 -13.46
C GLY B 161 -12.78 18.25 -14.92
N THR B 162 -13.76 18.79 -15.66
CA THR B 162 -13.84 18.66 -17.12
C THR B 162 -12.69 19.39 -17.83
N THR B 163 -12.34 18.90 -19.02
CA THR B 163 -11.28 19.51 -19.84
C THR B 163 -11.77 19.83 -21.26
N SER B 164 -11.61 21.10 -21.65
CA SER B 164 -12.03 21.61 -22.96
C SER B 164 -10.85 21.68 -23.93
N VAL B 165 -11.06 21.19 -25.14
CA VAL B 165 -10.06 21.31 -26.22
C VAL B 165 -10.71 21.99 -27.42
N THR B 166 -10.09 23.07 -27.91
CA THR B 166 -10.60 23.80 -29.08
C THR B 166 -9.54 23.88 -30.17
N SER B 167 -9.86 23.33 -31.35
CA SER B 167 -8.97 23.42 -32.51
C SER B 167 -9.51 24.34 -33.60
N ILE B 168 -8.72 25.35 -33.95
CA ILE B 168 -9.09 26.34 -34.95
C ILE B 168 -8.31 26.00 -36.23
N LEU B 169 -9.05 25.70 -37.29
CA LEU B 169 -8.45 25.47 -38.60
C LEU B 169 -8.92 26.56 -39.58
N ARG B 170 -7.96 27.29 -40.16
CA ARG B 170 -8.24 28.33 -41.16
C ARG B 170 -7.91 27.90 -42.59
N VAL B 171 -8.93 27.42 -43.32
CA VAL B 171 -8.79 27.09 -44.74
C VAL B 171 -8.71 28.39 -45.57
N LYS B 172 -7.95 28.34 -46.66
CA LYS B 172 -7.75 29.49 -47.54
C LYS B 172 -8.46 29.32 -48.87
N ASP B 173 -8.52 28.09 -49.37
CA ASP B 173 -9.38 27.76 -50.49
C ASP B 173 -9.61 26.26 -50.66
N PRO B 174 -10.89 25.86 -50.62
CA PRO B 174 -11.43 24.52 -50.83
C PRO B 174 -11.18 24.14 -52.27
N LYS B 175 -9.93 23.79 -52.55
CA LYS B 175 -9.51 23.37 -53.88
C LYS B 175 -8.61 22.16 -53.71
N THR B 176 -7.34 22.41 -53.40
CA THR B 176 -6.43 21.38 -52.95
C THR B 176 -6.37 21.37 -51.42
N GLN B 177 -6.98 22.38 -50.81
CA GLN B 177 -7.01 22.49 -49.35
C GLN B 177 -7.72 21.32 -48.67
N VAL B 178 -8.98 21.09 -49.06
CA VAL B 178 -9.78 20.04 -48.45
C VAL B 178 -10.65 19.27 -49.45
N GLY B 179 -10.90 17.99 -49.16
CA GLY B 179 -11.82 17.16 -49.93
C GLY B 179 -13.27 17.61 -49.81
N LYS B 180 -14.19 16.77 -50.28
CA LYS B 180 -15.61 17.12 -50.32
C LYS B 180 -16.27 17.09 -48.95
N GLU B 181 -15.57 16.49 -47.97
CA GLU B 181 -15.99 16.51 -46.57
C GLU B 181 -14.87 17.02 -45.65
N VAL B 182 -15.25 17.90 -44.71
CA VAL B 182 -14.33 18.38 -43.68
C VAL B 182 -14.68 17.69 -42.37
N ILE B 183 -13.75 16.85 -41.91
CA ILE B 183 -14.00 16.02 -40.73
C ILE B 183 -13.27 16.58 -39.50
N CYS B 184 -14.06 16.89 -38.47
CA CYS B 184 -13.53 16.97 -37.11
C CYS B 184 -13.79 15.63 -36.45
N GLN B 185 -12.72 14.93 -36.12
CA GLN B 185 -12.79 13.63 -35.46
C GLN B 185 -12.39 13.80 -34.00
N VAL B 186 -13.26 13.35 -33.10
CA VAL B 186 -12.97 13.49 -31.68
C VAL B 186 -12.98 12.15 -30.91
N LEU B 187 -11.82 11.80 -30.35
CA LEU B 187 -11.65 10.56 -29.59
C LEU B 187 -11.88 10.80 -28.10
N TYR B 188 -12.71 9.95 -27.51
CA TYR B 188 -13.03 10.03 -26.09
C TYR B 188 -12.94 8.65 -25.49
N LEU B 189 -11.94 8.46 -24.64
CA LEU B 189 -11.60 7.15 -24.06
C LEU B 189 -11.64 6.04 -25.12
N GLY B 190 -10.72 6.13 -26.08
CA GLY B 190 -10.58 5.15 -27.16
C GLY B 190 -11.73 5.02 -28.15
N ASN B 191 -12.66 5.99 -28.14
CA ASN B 191 -13.80 5.98 -29.06
C ASN B 191 -13.86 7.22 -29.95
N VAL B 192 -13.73 7.02 -31.26
CA VAL B 192 -13.80 8.11 -32.23
C VAL B 192 -15.16 8.23 -32.88
N ILE B 193 -15.63 9.47 -32.91
CA ILE B 193 -16.85 9.87 -33.60
C ILE B 193 -16.45 10.96 -34.61
N ASP B 194 -16.85 10.79 -35.86
CA ASP B 194 -16.50 11.73 -36.94
C ASP B 194 -17.64 12.72 -37.17
N TYR B 195 -17.29 14.01 -37.21
CA TYR B 195 -18.27 15.06 -37.48
C TYR B 195 -18.05 15.63 -38.89
N LYS B 196 -18.93 15.23 -39.81
CA LYS B 196 -18.72 15.43 -41.24
C LYS B 196 -19.52 16.59 -41.82
N GLN B 197 -18.83 17.47 -42.56
CA GLN B 197 -19.43 18.66 -43.14
C GLN B 197 -19.18 18.77 -44.66
N SER B 198 -20.27 18.73 -45.44
CA SER B 198 -20.20 18.78 -46.90
C SER B 198 -20.76 20.08 -47.48
N LEU B 199 -20.99 20.09 -48.80
CA LEU B 199 -21.43 21.28 -49.52
C LEU B 199 -21.90 20.96 -50.97
N ASP B 200 -23.21 21.06 -51.21
CA ASP B 200 -23.80 20.72 -52.51
C ASP B 200 -24.25 21.96 -53.29
N LYS B 201 -23.73 22.13 -54.50
CA LYS B 201 -24.11 23.27 -55.34
C LYS B 201 -25.14 22.95 -56.41
N GLY B 202 -24.69 22.49 -57.57
CA GLY B 202 -25.56 22.24 -58.72
C GLY B 202 -24.83 22.40 -60.05
N SER B 203 -25.21 23.42 -60.83
CA SER B 203 -24.54 23.75 -62.09
C SER B 203 -25.01 25.07 -62.70
#